data_6B3P
#
_entry.id   6B3P
#
_cell.length_a   134.200
_cell.length_b   134.200
_cell.length_c   231.130
_cell.angle_alpha   90.00
_cell.angle_beta   90.00
_cell.angle_gamma   120.00
#
_symmetry.space_group_name_H-M   'P 65 2 2'
#
loop_
_entity.id
_entity.type
_entity.pdbx_description
1 polymer Amy13K
2 branched alpha-D-glucopyranose-(1-4)-alpha-D-glucopyranose-(1-4)-alpha-D-glucopyranose-(1-4)-alpha-D-glucopyranose
3 branched alpha-D-glucopyranose-(1-4)-alpha-D-glucopyranose-(1-4)-alpha-D-glucopyranose
4 non-polymer 1,2-ETHANEDIOL
5 non-polymer 'FORMIC ACID'
6 water water
#
_entity_poly.entity_id   1
_entity_poly.type   'polypeptide(L)'
_entity_poly.pdbx_seq_one_letter_code
;MDLTINYKSTLGDDVAAYIYKETNKPAGEWPGKTMTATAGHEGWYTMHLTLDNSTDYSLILNDDGHGNQLKDVTLSTKGK
AEAEYWFDGSLSETKPADWKYVTTIHYLASGMGSTIYNYMWGADASATGAGVGKEWPGGQISANADHLGWYDVVYTQDVK
QNFSCIFNNNNGTQTDNIDVSVTSTSTELWVTGTKGDTTVYKTAPDSWE
;
_entity_poly.pdbx_strand_id   A,B
#
loop_
_chem_comp.id
_chem_comp.type
_chem_comp.name
_chem_comp.formula
EDO non-polymer 1,2-ETHANEDIOL 'C2 H6 O2'
FMT non-polymer 'FORMIC ACID' 'C H2 O2'
GLC D-saccharide, alpha linking alpha-D-glucopyranose 'C6 H12 O6'
#
# COMPACT_ATOMS: atom_id res chain seq x y z
N MET A 1 3.93 -5.26 -15.60
CA MET A 1 3.58 -4.54 -14.35
C MET A 1 4.81 -3.79 -13.86
N ASP A 2 4.59 -2.75 -13.06
CA ASP A 2 5.70 -1.97 -12.53
C ASP A 2 6.19 -2.55 -11.23
N LEU A 3 7.45 -2.99 -11.24
CA LEU A 3 8.11 -3.53 -10.07
C LEU A 3 9.10 -2.51 -9.53
N THR A 4 9.14 -2.37 -8.22
CA THR A 4 10.15 -1.55 -7.56
C THR A 4 10.68 -2.32 -6.36
N ILE A 5 11.99 -2.42 -6.24
CA ILE A 5 12.61 -3.07 -5.10
C ILE A 5 13.61 -2.14 -4.44
N ASN A 6 13.41 -1.90 -3.14
CA ASN A 6 14.35 -1.14 -2.34
C ASN A 6 15.05 -2.07 -1.37
N TYR A 7 16.38 -1.95 -1.29
CA TYR A 7 17.20 -2.84 -0.48
C TYR A 7 18.15 -2.02 0.39
N LYS A 8 18.04 -2.18 1.70
CA LYS A 8 18.97 -1.58 2.64
C LYS A 8 20.19 -2.49 2.68
N SER A 9 21.22 -2.13 1.91
CA SER A 9 22.30 -3.05 1.62
C SER A 9 23.04 -3.54 2.86
N THR A 10 23.27 -4.85 2.89
CA THR A 10 24.15 -5.48 3.85
C THR A 10 25.33 -6.11 3.10
N LEU A 11 25.48 -5.75 1.83
CA LEU A 11 26.49 -6.35 0.96
C LEU A 11 27.40 -5.31 0.29
N GLY A 12 27.37 -4.08 0.79
CA GLY A 12 28.22 -3.02 0.27
C GLY A 12 27.44 -2.08 -0.64
N ASP A 13 28.15 -1.19 -1.34
CA ASP A 13 27.49 -0.15 -2.13
C ASP A 13 27.29 -0.52 -3.60
N ASP A 14 27.72 -1.73 -3.97
CA ASP A 14 27.53 -2.25 -5.32
C ASP A 14 26.69 -3.51 -5.27
N VAL A 15 25.39 -3.36 -5.49
CA VAL A 15 24.44 -4.45 -5.36
C VAL A 15 23.49 -4.51 -6.56
N ALA A 16 22.90 -5.68 -6.77
CA ALA A 16 22.00 -5.90 -7.89
C ALA A 16 20.88 -6.85 -7.49
N ALA A 17 19.81 -6.84 -8.28
CA ALA A 17 18.67 -7.72 -8.07
C ALA A 17 18.55 -8.68 -9.25
N TYR A 18 18.65 -9.98 -8.96
CA TYR A 18 18.46 -11.02 -9.97
C TYR A 18 17.08 -11.62 -9.80
N ILE A 19 16.30 -11.60 -10.87
CA ILE A 19 14.91 -12.04 -10.84
C ILE A 19 14.73 -13.16 -11.87
N TYR A 20 14.04 -14.23 -11.49
CA TYR A 20 13.89 -15.37 -12.39
C TYR A 20 12.62 -16.19 -12.19
N LYS A 21 12.16 -16.77 -13.30
CA LYS A 21 11.05 -17.72 -13.29
C LYS A 21 11.15 -18.63 -14.52
N GLU A 22 11.31 -19.93 -14.29
CA GLU A 22 11.41 -20.92 -15.36
C GLU A 22 12.41 -20.51 -16.45
N THR A 23 13.59 -20.07 -16.01
CA THR A 23 14.69 -19.64 -16.87
C THR A 23 14.48 -18.26 -17.50
N ASN A 24 13.31 -17.65 -17.30
CA ASN A 24 13.12 -16.26 -17.69
C ASN A 24 13.90 -15.38 -16.73
N LYS A 25 14.60 -14.37 -17.26
CA LYS A 25 15.44 -13.49 -16.45
C LYS A 25 15.19 -12.02 -16.79
N PRO A 26 14.05 -11.47 -16.33
CA PRO A 26 13.63 -10.13 -16.72
C PRO A 26 14.55 -8.99 -16.29
N ALA A 27 15.36 -9.21 -15.26
CA ALA A 27 16.33 -8.19 -14.83
C ALA A 27 17.71 -8.45 -15.45
N GLY A 28 17.77 -9.43 -16.35
CA GLY A 28 19.00 -9.73 -17.08
C GLY A 28 19.72 -10.94 -16.53
N GLU A 29 20.71 -11.42 -17.27
CA GLU A 29 21.55 -12.52 -16.81
CA GLU A 29 21.55 -12.52 -16.81
C GLU A 29 22.20 -12.15 -15.49
N TRP A 30 22.63 -13.17 -14.75
CA TRP A 30 23.34 -12.97 -13.48
C TRP A 30 24.44 -11.94 -13.66
N PRO A 31 24.58 -10.99 -12.70
CA PRO A 31 23.91 -10.81 -11.40
C PRO A 31 22.59 -10.04 -11.43
N GLY A 32 22.04 -9.79 -12.61
CA GLY A 32 20.78 -9.07 -12.72
C GLY A 32 20.98 -7.58 -12.91
N LYS A 33 20.04 -6.80 -12.38
CA LYS A 33 20.06 -5.35 -12.58
C LYS A 33 20.63 -4.60 -11.38
N THR A 34 21.63 -3.76 -11.64
CA THR A 34 22.26 -2.96 -10.61
C THR A 34 21.26 -2.01 -9.97
N MET A 35 21.28 -1.95 -8.64
CA MET A 35 20.41 -1.06 -7.89
C MET A 35 21.12 0.25 -7.58
N THR A 36 20.44 1.36 -7.85
CA THR A 36 21.03 2.69 -7.71
C THR A 36 20.74 3.25 -6.33
N ALA A 37 21.70 3.99 -5.78
CA ALA A 37 21.54 4.65 -4.49
C ALA A 37 20.23 5.42 -4.43
N THR A 38 19.42 5.12 -3.43
CA THR A 38 18.10 5.70 -3.30
C THR A 38 18.17 7.17 -2.91
N ALA A 39 17.52 8.03 -3.69
CA ALA A 39 17.49 9.46 -3.40
C ALA A 39 16.77 9.73 -2.10
N GLY A 40 17.47 10.36 -1.16
CA GLY A 40 16.87 10.78 0.10
C GLY A 40 16.84 9.70 1.17
N HIS A 41 17.54 8.60 0.93
CA HIS A 41 17.53 7.47 1.86
C HIS A 41 18.89 6.79 1.90
N GLU A 42 19.76 7.31 2.77
CA GLU A 42 21.12 6.78 2.92
C GLU A 42 21.10 5.31 3.32
N GLY A 43 21.91 4.52 2.62
CA GLY A 43 22.03 3.09 2.92
C GLY A 43 21.12 2.23 2.07
N TRP A 44 20.16 2.85 1.39
CA TRP A 44 19.21 2.12 0.54
C TRP A 44 19.59 2.17 -0.93
N TYR A 45 19.22 1.12 -1.67
CA TYR A 45 19.40 1.08 -3.11
C TYR A 45 18.12 0.60 -3.77
N THR A 46 17.86 1.12 -4.96
CA THR A 46 16.57 0.94 -5.62
C THR A 46 16.73 0.54 -7.07
N MET A 47 15.89 -0.40 -7.51
CA MET A 47 15.79 -0.75 -8.93
C MET A 47 14.32 -0.77 -9.35
N HIS A 48 14.08 -0.37 -10.60
CA HIS A 48 12.75 -0.44 -11.20
C HIS A 48 12.78 -1.40 -12.36
N LEU A 49 11.63 -2.01 -12.65
CA LEU A 49 11.54 -2.99 -13.72
C LEU A 49 10.11 -3.14 -14.18
N THR A 50 9.96 -3.42 -15.47
CA THR A 50 8.69 -3.84 -16.03
C THR A 50 8.76 -5.35 -16.20
N LEU A 51 7.81 -6.07 -15.63
CA LEU A 51 7.73 -7.50 -15.89
C LEU A 51 6.32 -8.03 -16.11
N ASP A 52 6.30 -9.22 -16.68
CA ASP A 52 5.09 -9.93 -17.06
C ASP A 52 4.41 -10.55 -15.83
N ASN A 53 3.20 -10.07 -15.52
CA ASN A 53 2.49 -10.52 -14.32
C ASN A 53 1.77 -11.86 -14.52
N SER A 54 2.14 -12.58 -15.57
CA SER A 54 1.57 -13.90 -15.80
C SER A 54 1.99 -14.87 -14.70
N THR A 55 3.10 -14.55 -14.02
CA THR A 55 3.68 -15.46 -13.04
C THR A 55 4.19 -14.75 -11.79
N ASP A 56 4.49 -15.56 -10.77
CA ASP A 56 5.32 -15.10 -9.66
C ASP A 56 6.77 -15.16 -10.10
N TYR A 57 7.66 -14.62 -9.28
CA TYR A 57 9.09 -14.70 -9.55
C TYR A 57 9.87 -14.94 -8.27
N SER A 58 11.14 -15.29 -8.43
CA SER A 58 12.08 -15.38 -7.32
C SER A 58 13.07 -14.23 -7.42
N LEU A 59 13.50 -13.72 -6.26
CA LEU A 59 14.46 -12.63 -6.19
C LEU A 59 15.71 -13.07 -5.45
N ILE A 60 16.87 -12.78 -6.02
CA ILE A 60 18.14 -12.94 -5.33
C ILE A 60 18.88 -11.61 -5.31
N LEU A 61 19.00 -11.04 -4.12
CA LEU A 61 19.81 -9.85 -3.91
C LEU A 61 21.27 -10.27 -3.76
N ASN A 62 22.16 -9.51 -4.38
CA ASN A 62 23.57 -9.89 -4.47
C ASN A 62 24.47 -8.65 -4.57
N ASP A 63 25.78 -8.85 -4.48
CA ASP A 63 26.73 -7.73 -4.57
C ASP A 63 27.23 -7.53 -6.00
N ASP A 64 26.32 -7.71 -6.96
CA ASP A 64 26.57 -7.35 -8.35
C ASP A 64 27.74 -8.12 -8.99
N GLY A 65 27.81 -9.42 -8.73
CA GLY A 65 28.77 -10.28 -9.41
C GLY A 65 30.10 -10.45 -8.71
N HIS A 66 30.16 -10.14 -7.41
CA HIS A 66 31.42 -10.18 -6.67
C HIS A 66 31.42 -11.22 -5.56
N GLY A 67 30.64 -12.29 -5.74
CA GLY A 67 30.80 -13.50 -4.96
C GLY A 67 29.83 -13.72 -3.80
N ASN A 68 28.95 -12.76 -3.54
CA ASN A 68 28.03 -12.88 -2.40
C ASN A 68 26.59 -12.60 -2.77
N GLN A 69 25.69 -13.42 -2.25
CA GLN A 69 24.26 -13.28 -2.52
C GLN A 69 23.44 -13.76 -1.32
N LEU A 70 22.26 -13.16 -1.16
CA LEU A 70 21.32 -13.60 -0.14
C LEU A 70 20.46 -14.74 -0.66
N LYS A 71 19.78 -15.42 0.26
CA LYS A 71 18.90 -16.52 -0.08
C LYS A 71 17.70 -16.05 -0.91
N ASP A 72 17.23 -16.90 -1.81
CA ASP A 72 16.10 -16.58 -2.68
C ASP A 72 14.85 -16.24 -1.87
N VAL A 73 14.09 -15.24 -2.33
CA VAL A 73 12.76 -14.98 -1.81
C VAL A 73 11.75 -14.84 -2.95
N THR A 74 10.51 -15.21 -2.67
CA THR A 74 9.46 -15.20 -3.68
C THR A 74 8.76 -13.84 -3.78
N LEU A 75 8.63 -13.35 -5.01
CA LEU A 75 7.80 -12.18 -5.29
C LEU A 75 6.46 -12.67 -5.87
N SER A 76 5.42 -12.62 -5.06
CA SER A 76 4.11 -13.14 -5.47
C SER A 76 3.39 -12.11 -6.34
N THR A 77 3.86 -11.97 -7.57
CA THR A 77 3.42 -10.90 -8.46
C THR A 77 2.28 -11.28 -9.41
N LYS A 78 1.93 -12.56 -9.47
CA LYS A 78 0.95 -13.03 -10.46
C LYS A 78 -0.36 -12.25 -10.37
N GLY A 79 -0.75 -11.65 -11.49
CA GLY A 79 -2.03 -10.97 -11.59
C GLY A 79 -2.04 -9.53 -11.09
N LYS A 80 -0.93 -9.10 -10.50
CA LYS A 80 -0.84 -7.74 -9.93
C LYS A 80 -0.54 -6.71 -11.01
N ALA A 81 -0.97 -5.48 -10.76
CA ALA A 81 -0.73 -4.37 -11.69
C ALA A 81 0.57 -3.64 -11.32
N GLU A 82 0.91 -3.68 -10.03
CA GLU A 82 2.13 -3.05 -9.55
C GLU A 82 2.58 -3.68 -8.24
N ALA A 83 3.84 -3.48 -7.88
CA ALA A 83 4.37 -4.00 -6.61
C ALA A 83 5.64 -3.27 -6.22
N GLU A 84 5.68 -2.77 -4.98
CA GLU A 84 6.90 -2.21 -4.42
C GLU A 84 7.31 -2.99 -3.17
N TYR A 85 8.58 -3.38 -3.13
CA TYR A 85 9.12 -4.15 -2.01
C TYR A 85 10.23 -3.38 -1.30
N TRP A 86 10.33 -3.59 0.00
CA TRP A 86 11.46 -3.12 0.79
C TRP A 86 12.13 -4.32 1.46
N PHE A 87 13.44 -4.45 1.28
CA PHE A 87 14.17 -5.53 1.94
C PHE A 87 15.13 -4.96 2.96
N ASP A 88 14.80 -5.19 4.23
CA ASP A 88 15.58 -4.72 5.36
C ASP A 88 15.53 -5.80 6.44
N GLY A 89 16.33 -6.84 6.26
CA GLY A 89 16.30 -8.00 7.13
C GLY A 89 15.35 -9.07 6.65
N SER A 90 14.38 -8.66 5.82
CA SER A 90 13.38 -9.56 5.30
C SER A 90 12.52 -8.83 4.27
N LEU A 91 11.74 -9.59 3.50
CA LEU A 91 10.91 -9.00 2.46
C LEU A 91 9.66 -8.35 3.06
N SER A 92 9.42 -7.11 2.68
CA SER A 92 8.25 -6.35 3.13
C SER A 92 7.60 -5.62 1.98
N GLU A 93 6.28 -5.42 2.08
CA GLU A 93 5.54 -4.59 1.12
C GLU A 93 4.98 -3.35 1.82
N THR A 94 5.45 -3.12 3.04
CA THR A 94 5.00 -1.99 3.84
C THR A 94 6.01 -0.84 3.78
N LYS A 95 5.54 0.31 3.29
CA LYS A 95 6.40 1.48 3.17
C LYS A 95 6.91 1.93 4.55
N PRO A 96 8.21 2.17 4.69
CA PRO A 96 8.67 2.73 5.96
C PRO A 96 8.03 4.09 6.23
N ALA A 97 7.79 4.39 7.49
CA ALA A 97 6.98 5.55 7.88
C ALA A 97 7.46 6.88 7.30
N ASP A 98 8.78 7.10 7.27
N ASP A 98 8.78 7.06 7.26
CA ASP A 98 9.30 8.41 6.88
CA ASP A 98 9.41 8.33 6.90
C ASP A 98 9.62 8.51 5.39
C ASP A 98 9.50 8.56 5.39
N TRP A 99 9.18 7.54 4.60
CA TRP A 99 9.30 7.64 3.15
C TRP A 99 8.11 8.40 2.55
N LYS A 100 8.40 9.22 1.53
CA LYS A 100 7.37 9.92 0.78
C LYS A 100 7.25 9.34 -0.62
N TYR A 101 6.21 9.74 -1.34
CA TYR A 101 6.05 9.38 -2.74
C TYR A 101 6.55 10.51 -3.62
N VAL A 102 7.70 10.28 -4.23
CA VAL A 102 8.38 11.30 -5.03
C VAL A 102 8.26 10.97 -6.50
N THR A 103 7.45 11.75 -7.21
CA THR A 103 7.19 11.52 -8.62
C THR A 103 7.94 12.54 -9.45
N THR A 104 8.84 12.05 -10.31
CA THR A 104 9.66 12.89 -11.17
C THR A 104 9.18 12.78 -12.60
N ILE A 105 8.91 13.93 -13.23
CA ILE A 105 8.44 13.96 -14.60
C ILE A 105 9.32 14.85 -15.46
N HIS A 106 9.88 14.26 -16.52
CA HIS A 106 10.74 14.97 -17.46
C HIS A 106 9.96 15.35 -18.71
N TYR A 107 10.07 16.61 -19.12
CA TYR A 107 9.44 17.08 -20.35
C TYR A 107 10.46 17.61 -21.35
N LEU A 108 10.35 17.14 -22.59
CA LEU A 108 11.21 17.58 -23.67
C LEU A 108 10.60 18.79 -24.39
N ALA A 109 11.11 19.96 -24.09
CA ALA A 109 10.64 21.18 -24.74
C ALA A 109 11.31 21.37 -26.10
N SER A 110 10.49 21.50 -27.13
CA SER A 110 10.99 21.71 -28.49
C SER A 110 10.25 22.86 -29.16
N GLY A 111 10.98 23.94 -29.45
CA GLY A 111 10.44 25.06 -30.17
C GLY A 111 9.21 25.68 -29.51
N MET A 112 9.29 25.89 -28.21
CA MET A 112 8.25 26.59 -27.47
C MET A 112 8.88 27.52 -26.43
N GLY A 113 10.15 27.87 -26.66
CA GLY A 113 10.86 28.81 -25.82
C GLY A 113 11.67 28.16 -24.72
N SER A 114 12.13 28.97 -23.77
CA SER A 114 13.00 28.50 -22.70
C SER A 114 12.37 28.70 -21.32
N THR A 115 11.19 29.30 -21.31
CA THR A 115 10.41 29.45 -20.09
C THR A 115 9.27 28.45 -20.08
N ILE A 116 9.44 27.40 -19.27
CA ILE A 116 8.49 26.30 -19.24
C ILE A 116 7.80 26.22 -17.88
N TYR A 117 6.52 25.86 -17.91
CA TYR A 117 5.70 25.75 -16.71
C TYR A 117 5.11 24.35 -16.59
N ASN A 118 4.81 23.95 -15.36
CA ASN A 118 4.00 22.75 -15.13
C ASN A 118 2.79 23.08 -14.28
N TYR A 119 1.62 22.77 -14.81
CA TYR A 119 0.36 22.97 -14.11
C TYR A 119 -0.14 21.62 -13.60
N MET A 120 -0.52 21.56 -12.33
CA MET A 120 -0.84 20.29 -11.68
C MET A 120 -2.15 20.35 -10.88
N TRP A 121 -2.92 19.27 -10.93
CA TRP A 121 -4.13 19.14 -10.13
C TRP A 121 -4.42 17.68 -9.80
N GLY A 122 -5.17 17.48 -8.71
CA GLY A 122 -5.63 16.16 -8.33
C GLY A 122 -4.80 15.47 -7.26
N ALA A 123 -3.72 16.11 -6.83
CA ALA A 123 -2.81 15.51 -5.85
C ALA A 123 -3.34 15.68 -4.42
N ASP A 124 -2.74 14.95 -3.49
CA ASP A 124 -3.10 15.06 -2.07
C ASP A 124 -2.70 16.43 -1.54
N ALA A 125 -3.38 16.87 -0.47
CA ALA A 125 -3.13 18.18 0.12
C ALA A 125 -1.69 18.34 0.62
N SER A 126 -1.02 17.23 0.87
CA SER A 126 0.36 17.27 1.37
C SER A 126 1.37 17.54 0.25
N ALA A 127 0.87 17.63 -0.98
CA ALA A 127 1.74 17.74 -2.15
C ALA A 127 2.62 18.98 -2.13
N THR A 128 3.87 18.81 -2.53
CA THR A 128 4.79 19.92 -2.75
C THR A 128 5.46 19.76 -4.10
N GLY A 129 5.80 20.89 -4.72
CA GLY A 129 6.39 20.89 -6.06
C GLY A 129 6.03 22.17 -6.79
N ALA A 130 6.61 22.35 -7.97
CA ALA A 130 6.50 23.60 -8.72
C ALA A 130 5.08 24.16 -8.81
N GLY A 131 4.14 23.31 -9.19
CA GLY A 131 2.81 23.77 -9.54
C GLY A 131 1.75 23.70 -8.47
N VAL A 132 2.09 23.25 -7.26
CA VAL A 132 1.06 23.11 -6.23
C VAL A 132 0.58 24.50 -5.78
N GLY A 133 -0.74 24.64 -5.62
CA GLY A 133 -1.33 25.88 -5.18
C GLY A 133 -1.15 27.02 -6.17
N LYS A 134 -0.99 26.69 -7.44
CA LYS A 134 -0.84 27.69 -8.50
C LYS A 134 -1.84 27.49 -9.63
N GLU A 135 -2.55 28.56 -9.98
CA GLU A 135 -3.46 28.54 -11.10
C GLU A 135 -2.66 28.58 -12.38
N TRP A 136 -3.32 28.33 -13.51
CA TRP A 136 -2.67 28.36 -14.82
C TRP A 136 -1.83 29.63 -14.96
N PRO A 137 -0.60 29.51 -15.50
CA PRO A 137 0.07 28.39 -16.17
C PRO A 137 0.75 27.40 -15.21
N GLY A 138 0.54 27.57 -13.91
CA GLY A 138 1.19 26.72 -12.92
C GLY A 138 2.50 27.31 -12.45
N GLY A 139 3.44 26.42 -12.12
CA GLY A 139 4.75 26.83 -11.62
C GLY A 139 5.82 26.67 -12.67
N GLN A 140 6.76 27.61 -12.71
CA GLN A 140 7.88 27.55 -13.66
C GLN A 140 8.89 26.50 -13.20
N ILE A 141 9.43 25.75 -14.16
CA ILE A 141 10.36 24.67 -13.85
C ILE A 141 11.71 24.87 -14.55
N SER A 142 12.75 24.32 -13.95
CA SER A 142 14.12 24.51 -14.46
C SER A 142 14.46 23.48 -15.52
N ALA A 143 15.57 23.72 -16.23
CA ALA A 143 16.03 22.81 -17.26
C ALA A 143 16.94 21.74 -16.66
N ASN A 144 16.92 20.55 -17.27
CA ASN A 144 17.81 19.47 -16.87
C ASN A 144 19.23 19.73 -17.39
N ALA A 145 20.17 19.88 -16.46
CA ALA A 145 21.53 20.26 -16.80
C ALA A 145 22.23 19.24 -17.69
N ASP A 146 21.97 17.96 -17.44
CA ASP A 146 22.69 16.88 -18.13
C ASP A 146 22.00 16.43 -19.41
N HIS A 147 20.77 16.87 -19.63
CA HIS A 147 20.01 16.46 -20.81
C HIS A 147 19.44 17.67 -21.55
N LEU A 148 19.95 17.89 -22.76
CA LEU A 148 19.62 19.07 -23.54
C LEU A 148 18.17 19.07 -24.02
N GLY A 149 17.45 20.13 -23.67
CA GLY A 149 16.09 20.33 -24.15
C GLY A 149 15.04 19.79 -23.19
N TRP A 150 15.48 19.08 -22.17
CA TRP A 150 14.57 18.51 -21.18
C TRP A 150 14.39 19.43 -19.99
N TYR A 151 13.20 19.39 -19.39
CA TYR A 151 12.92 20.11 -18.15
C TYR A 151 12.33 19.14 -17.15
N ASP A 152 12.53 19.42 -15.86
CA ASP A 152 12.12 18.51 -14.80
C ASP A 152 11.13 19.15 -13.84
N VAL A 153 10.20 18.33 -13.34
CA VAL A 153 9.35 18.72 -12.22
C VAL A 153 9.23 17.53 -11.29
N VAL A 154 9.21 17.82 -9.99
CA VAL A 154 9.11 16.78 -8.97
C VAL A 154 7.97 17.10 -8.02
N TYR A 155 7.03 16.16 -7.91
CA TYR A 155 5.92 16.28 -6.97
C TYR A 155 6.04 15.22 -5.87
N THR A 156 6.05 15.70 -4.62
CA THR A 156 6.19 14.85 -3.46
C THR A 156 4.90 14.82 -2.65
N GLN A 157 4.44 13.63 -2.30
CA GLN A 157 3.24 13.46 -1.49
C GLN A 157 3.47 12.53 -0.31
N ASP A 158 2.66 12.67 0.72
CA ASP A 158 2.72 11.78 1.87
C ASP A 158 1.98 10.47 1.60
N VAL A 159 1.09 10.49 0.62
CA VAL A 159 0.30 9.32 0.26
C VAL A 159 0.41 9.02 -1.23
N LYS A 160 0.03 7.80 -1.59
CA LYS A 160 0.17 7.32 -2.95
C LYS A 160 -1.05 7.70 -3.79
N GLN A 161 -1.08 8.94 -4.24
CA GLN A 161 -2.24 9.47 -4.97
C GLN A 161 -1.90 9.84 -6.40
N ASN A 162 -2.67 9.31 -7.34
CA ASN A 162 -2.54 9.69 -8.74
C ASN A 162 -2.93 11.15 -8.91
N PHE A 163 -2.41 11.77 -9.95
CA PHE A 163 -2.74 13.15 -10.25
C PHE A 163 -2.53 13.42 -11.73
N SER A 164 -2.78 14.65 -12.16
CA SER A 164 -2.61 15.02 -13.55
C SER A 164 -1.81 16.30 -13.65
N CYS A 165 -1.15 16.50 -14.79
CA CYS A 165 -0.40 17.73 -15.01
C CYS A 165 -0.29 18.08 -16.49
N ILE A 166 0.13 19.32 -16.76
CA ILE A 166 0.30 19.82 -18.11
C ILE A 166 1.57 20.66 -18.19
N PHE A 167 2.38 20.41 -19.21
CA PHE A 167 3.54 21.26 -19.46
C PHE A 167 3.15 22.32 -20.49
N ASN A 168 3.65 23.54 -20.31
CA ASN A 168 3.28 24.64 -21.20
C ASN A 168 4.30 25.79 -21.14
N ASN A 169 4.13 26.77 -22.02
CA ASN A 169 5.00 27.95 -22.06
C ASN A 169 4.26 29.24 -21.72
N ASN A 170 3.02 29.12 -21.26
CA ASN A 170 2.19 30.28 -20.96
C ASN A 170 2.07 31.21 -22.18
N ASN A 171 1.95 30.61 -23.37
CA ASN A 171 1.92 31.38 -24.60
C ASN A 171 1.35 30.58 -25.76
N GLY A 172 0.33 29.78 -25.48
CA GLY A 172 -0.41 29.08 -26.51
C GLY A 172 0.04 27.65 -26.80
N THR A 173 1.14 27.23 -26.19
CA THR A 173 1.65 25.88 -26.39
C THR A 173 1.58 25.08 -25.08
N GLN A 174 0.92 23.92 -25.15
CA GLN A 174 0.78 23.06 -23.98
C GLN A 174 0.62 21.60 -24.41
N THR A 175 0.83 20.69 -23.47
CA THR A 175 0.63 19.27 -23.71
C THR A 175 -0.83 18.87 -23.52
N ASP A 176 -1.17 17.66 -23.93
CA ASP A 176 -2.42 17.05 -23.52
C ASP A 176 -2.40 16.88 -22.01
N ASN A 177 -3.55 16.59 -21.42
CA ASN A 177 -3.59 16.16 -20.03
C ASN A 177 -2.72 14.93 -19.83
N ILE A 178 -1.79 15.02 -18.88
CA ILE A 178 -0.95 13.88 -18.53
C ILE A 178 -1.49 13.25 -17.24
N ASP A 179 -2.03 12.04 -17.36
CA ASP A 179 -2.56 11.33 -16.20
C ASP A 179 -1.48 10.48 -15.56
N VAL A 180 -1.00 10.93 -14.41
CA VAL A 180 0.11 10.28 -13.73
C VAL A 180 -0.36 9.19 -12.77
N SER A 181 -0.02 7.95 -13.09
CA SER A 181 -0.23 6.85 -12.16
C SER A 181 1.01 6.66 -11.30
N VAL A 182 0.87 6.92 -10.00
CA VAL A 182 1.96 6.72 -9.06
C VAL A 182 2.02 5.24 -8.68
N THR A 183 3.07 4.57 -9.13
CA THR A 183 3.21 3.13 -8.97
C THR A 183 4.25 2.75 -7.91
N SER A 184 4.91 3.75 -7.34
CA SER A 184 5.93 3.51 -6.33
C SER A 184 6.34 4.83 -5.68
N THR A 185 7.20 4.74 -4.67
CA THR A 185 7.69 5.92 -3.97
C THR A 185 8.69 6.73 -4.80
N SER A 186 9.11 6.18 -5.93
CA SER A 186 10.05 6.88 -6.82
C SER A 186 9.65 6.70 -8.28
N THR A 187 8.41 7.06 -8.59
CA THR A 187 7.90 6.96 -9.95
C THR A 187 8.53 8.00 -10.85
N GLU A 188 8.96 7.57 -12.04
CA GLU A 188 9.60 8.46 -12.99
C GLU A 188 8.97 8.33 -14.38
N LEU A 189 8.72 9.47 -15.02
CA LEU A 189 8.09 9.51 -16.33
C LEU A 189 8.81 10.48 -17.27
N TRP A 190 8.68 10.23 -18.58
CA TRP A 190 9.22 11.10 -19.61
C TRP A 190 8.10 11.50 -20.57
N VAL A 191 8.00 12.78 -20.88
CA VAL A 191 6.93 13.30 -21.73
C VAL A 191 7.49 14.09 -22.92
N THR A 192 6.91 13.85 -24.09
CA THR A 192 7.24 14.60 -25.30
C THR A 192 6.00 15.03 -26.04
N GLY A 193 6.12 16.10 -26.82
CA GLY A 193 5.05 16.54 -27.70
C GLY A 193 4.22 17.66 -27.12
N THR A 194 3.15 18.00 -27.83
CA THR A 194 2.22 19.03 -27.40
C THR A 194 0.80 18.51 -27.65
N LYS A 195 -0.20 19.39 -27.55
CA LYS A 195 -1.60 19.01 -27.71
C LYS A 195 -1.81 18.22 -29.01
N GLY A 196 -2.45 17.07 -28.88
CA GLY A 196 -2.71 16.20 -30.03
C GLY A 196 -1.58 15.21 -30.27
N ASP A 197 -0.41 15.49 -29.72
CA ASP A 197 0.78 14.70 -30.02
C ASP A 197 1.61 14.41 -28.76
N THR A 198 0.95 14.35 -27.61
CA THR A 198 1.63 14.10 -26.34
C THR A 198 1.83 12.61 -26.10
N THR A 199 3.07 12.24 -25.82
CA THR A 199 3.44 10.85 -25.54
C THR A 199 4.11 10.72 -24.18
N VAL A 200 3.66 9.76 -23.38
CA VAL A 200 4.21 9.52 -22.05
C VAL A 200 4.95 8.20 -21.99
N TYR A 201 6.23 8.26 -21.63
CA TYR A 201 7.07 7.07 -21.52
C TYR A 201 7.33 6.68 -20.06
N LYS A 202 7.25 5.39 -19.78
CA LYS A 202 7.53 4.86 -18.45
C LYS A 202 8.97 4.38 -18.32
N THR A 203 9.64 4.23 -19.46
CA THR A 203 11.09 4.03 -19.50
C THR A 203 11.67 5.10 -20.42
N ALA A 204 12.90 5.52 -20.15
CA ALA A 204 13.52 6.61 -20.91
C ALA A 204 13.50 6.33 -22.42
N PRO A 205 13.01 7.29 -23.22
CA PRO A 205 12.97 7.09 -24.66
C PRO A 205 14.32 7.38 -25.32
N ASP A 206 14.49 6.99 -26.58
CA ASP A 206 15.73 7.23 -27.31
C ASP A 206 16.13 8.70 -27.27
N SER A 207 15.13 9.57 -27.17
CA SER A 207 15.35 11.01 -27.08
C SER A 207 16.08 11.42 -25.80
N TRP A 208 16.08 10.53 -24.81
CA TRP A 208 16.76 10.77 -23.54
C TRP A 208 18.21 10.33 -23.67
N GLU A 209 19.10 11.29 -23.87
CA GLU A 209 20.50 11.00 -24.20
C GLU A 209 21.33 10.58 -23.00
N MET B 1 -11.97 6.12 5.99
CA MET B 1 -10.70 5.42 6.10
C MET B 1 -10.73 4.42 7.25
N ASP B 2 -9.85 3.42 7.17
CA ASP B 2 -9.75 2.40 8.21
C ASP B 2 -8.64 2.75 9.20
N LEU B 3 -9.01 2.91 10.47
CA LEU B 3 -8.06 3.21 11.53
C LEU B 3 -7.90 2.02 12.46
N THR B 4 -6.66 1.74 12.84
CA THR B 4 -6.35 0.73 13.84
C THR B 4 -5.36 1.30 14.85
N ILE B 5 -5.64 1.12 16.13
CA ILE B 5 -4.76 1.56 17.20
C ILE B 5 -4.44 0.40 18.12
N ASN B 6 -3.13 0.15 18.30
CA ASN B 6 -2.66 -0.85 19.25
C ASN B 6 -1.95 -0.16 20.40
N TYR B 7 -2.29 -0.56 21.62
CA TYR B 7 -1.78 0.09 22.83
C TYR B 7 -1.22 -0.95 23.80
N LYS B 8 0.08 -0.85 24.09
CA LYS B 8 0.69 -1.68 25.13
C LYS B 8 0.33 -1.04 26.46
N SER B 9 -0.72 -1.54 27.10
CA SER B 9 -1.34 -0.83 28.21
C SER B 9 -0.43 -0.62 29.41
N THR B 10 -0.46 0.59 29.95
CA THR B 10 0.15 0.92 31.23
C THR B 10 -0.93 1.36 32.21
N LEU B 11 -2.19 1.13 31.83
CA LEU B 11 -3.34 1.60 32.60
C LEU B 11 -4.26 0.45 33.05
N GLY B 12 -3.78 -0.79 32.91
CA GLY B 12 -4.55 -1.95 33.31
C GLY B 12 -5.17 -2.65 32.13
N ASP B 13 -6.01 -3.65 32.40
CA ASP B 13 -6.56 -4.49 31.34
C ASP B 13 -7.90 -3.98 30.79
N ASP B 14 -8.36 -2.85 31.32
CA ASP B 14 -9.59 -2.22 30.84
C ASP B 14 -9.28 -0.81 30.34
N VAL B 15 -9.07 -0.70 29.03
CA VAL B 15 -8.67 0.55 28.41
C VAL B 15 -9.52 0.89 27.19
N ALA B 16 -9.56 2.17 26.86
CA ALA B 16 -10.34 2.65 25.72
C ALA B 16 -9.59 3.73 24.98
N ALA B 17 -10.02 3.99 23.74
CA ALA B 17 -9.45 5.03 22.90
C ALA B 17 -10.49 6.09 22.59
N TYR B 18 -10.24 7.31 23.05
CA TYR B 18 -11.12 8.44 22.78
C TYR B 18 -10.50 9.28 21.67
N ILE B 19 -11.25 9.48 20.60
CA ILE B 19 -10.75 10.19 19.42
C ILE B 19 -11.65 11.37 19.10
N TYR B 20 -11.03 12.50 18.79
CA TYR B 20 -11.81 13.70 18.48
C TYR B 20 -11.05 14.72 17.65
N LYS B 21 -11.81 15.47 16.86
CA LYS B 21 -11.31 16.64 16.17
C LYS B 21 -12.39 17.70 16.26
N GLU B 22 -12.15 18.69 17.12
CA GLU B 22 -13.20 19.62 17.53
C GLU B 22 -14.39 18.79 18.04
N THR B 23 -15.57 18.96 17.44
CA THR B 23 -16.78 18.30 17.94
C THR B 23 -17.01 16.91 17.36
N ASN B 24 -16.21 16.51 16.38
CA ASN B 24 -16.32 15.19 15.79
C ASN B 24 -15.72 14.13 16.71
N LYS B 25 -16.53 13.15 17.11
CA LYS B 25 -16.11 12.12 18.06
C LYS B 25 -16.35 10.72 17.47
N PRO B 26 -15.49 10.29 16.54
CA PRO B 26 -15.70 9.05 15.78
C PRO B 26 -15.81 7.79 16.64
N ALA B 27 -15.12 7.75 17.79
CA ALA B 27 -15.13 6.57 18.64
C ALA B 27 -16.19 6.66 19.75
N GLY B 28 -17.01 7.71 19.69
CA GLY B 28 -18.11 7.88 20.61
C GLY B 28 -17.82 8.87 21.72
N GLU B 29 -18.80 9.09 22.58
CA GLU B 29 -18.63 9.97 23.73
C GLU B 29 -17.61 9.35 24.69
N TRP B 30 -17.01 10.18 25.53
CA TRP B 30 -16.06 9.71 26.54
C TRP B 30 -16.60 8.48 27.26
N PRO B 31 -15.75 7.46 27.50
CA PRO B 31 -14.31 7.34 27.26
C PRO B 31 -13.90 6.84 25.86
N GLY B 32 -14.85 6.77 24.94
CA GLY B 32 -14.55 6.31 23.59
C GLY B 32 -14.80 4.82 23.43
N LYS B 33 -14.01 4.18 22.57
CA LYS B 33 -14.20 2.77 22.23
C LYS B 33 -13.23 1.88 23.00
N THR B 34 -13.78 0.88 23.68
CA THR B 34 -12.99 -0.07 24.45
C THR B 34 -12.06 -0.87 23.55
N MET B 35 -10.83 -1.05 23.99
CA MET B 35 -9.83 -1.79 23.23
C MET B 35 -9.77 -3.23 23.71
N THR B 36 -9.82 -4.16 22.76
CA THR B 36 -9.87 -5.59 23.06
C THR B 36 -8.46 -6.16 23.11
N ALA B 37 -8.25 -7.12 24.00
CA ALA B 37 -6.95 -7.79 24.13
C ALA B 37 -6.46 -8.29 22.78
N THR B 38 -5.23 -7.96 22.44
CA THR B 38 -4.69 -8.25 21.12
C THR B 38 -4.33 -9.72 20.97
N ALA B 39 -5.03 -10.41 20.07
CA ALA B 39 -4.78 -11.79 19.72
C ALA B 39 -3.31 -12.04 19.39
N GLY B 40 -2.66 -12.86 20.22
CA GLY B 40 -1.30 -13.30 19.97
C GLY B 40 -0.24 -12.29 20.37
N HIS B 41 -0.64 -11.26 21.10
CA HIS B 41 0.29 -10.25 21.57
C HIS B 41 -0.05 -9.82 22.99
N GLU B 42 0.57 -10.48 23.95
CA GLU B 42 0.27 -10.29 25.37
C GLU B 42 0.64 -8.88 25.84
N GLY B 43 -0.27 -8.25 26.55
CA GLY B 43 -0.06 -6.90 27.06
C GLY B 43 -0.55 -5.82 26.12
N TRP B 44 -0.92 -6.20 24.90
CA TRP B 44 -1.42 -5.25 23.91
C TRP B 44 -2.95 -5.26 23.84
N TYR B 45 -3.52 -4.11 23.50
CA TYR B 45 -4.95 -3.97 23.27
C TYR B 45 -5.19 -3.22 21.97
N THR B 46 -6.22 -3.63 21.24
CA THR B 46 -6.46 -3.13 19.89
C THR B 46 -7.90 -2.66 19.69
N MET B 47 -8.05 -1.57 18.95
CA MET B 47 -9.37 -1.13 18.50
C MET B 47 -9.34 -0.75 17.02
N HIS B 48 -10.47 -0.97 16.35
CA HIS B 48 -10.64 -0.62 14.95
C HIS B 48 -11.74 0.41 14.82
N LEU B 49 -11.68 1.23 13.78
CA LEU B 49 -12.62 2.31 13.59
C LEU B 49 -12.60 2.78 12.15
N THR B 50 -13.78 3.15 11.65
CA THR B 50 -13.88 3.88 10.39
C THR B 50 -14.21 5.32 10.69
N LEU B 51 -13.47 6.23 10.07
CA LEU B 51 -13.72 7.66 10.25
C LEU B 51 -13.28 8.46 9.02
N ASP B 52 -13.65 9.73 9.02
CA ASP B 52 -13.41 10.62 7.89
C ASP B 52 -11.97 11.13 7.85
N ASN B 53 -11.34 11.04 6.68
CA ASN B 53 -9.92 11.38 6.53
C ASN B 53 -9.69 12.84 6.16
N SER B 54 -10.72 13.67 6.31
CA SER B 54 -10.59 15.10 6.00
C SER B 54 -9.65 15.81 6.96
N THR B 55 -9.49 15.26 8.16
CA THR B 55 -8.69 15.89 9.20
C THR B 55 -7.74 14.92 9.90
N ASP B 56 -6.79 15.49 10.64
CA ASP B 56 -6.08 14.74 11.67
C ASP B 56 -7.02 14.59 12.86
N TYR B 57 -6.60 13.82 13.87
CA TYR B 57 -7.38 13.68 15.09
C TYR B 57 -6.47 13.65 16.32
N SER B 58 -7.07 13.94 17.47
CA SER B 58 -6.40 13.75 18.75
C SER B 58 -6.84 12.43 19.37
N LEU B 59 -5.88 11.68 19.90
CA LEU B 59 -6.14 10.42 20.58
C LEU B 59 -5.88 10.59 22.08
N ILE B 60 -6.86 10.18 22.89
CA ILE B 60 -6.67 10.09 24.33
C ILE B 60 -6.89 8.66 24.78
N LEU B 61 -5.79 7.95 25.03
CA LEU B 61 -5.86 6.62 25.62
C LEU B 61 -6.19 6.76 27.10
N ASN B 62 -7.09 5.91 27.59
CA ASN B 62 -7.60 6.01 28.94
C ASN B 62 -7.99 4.65 29.50
N ASP B 63 -8.29 4.59 30.79
CA ASP B 63 -8.67 3.32 31.42
C ASP B 63 -10.18 3.14 31.45
N ASP B 64 -10.83 3.59 30.38
CA ASP B 64 -12.23 3.29 30.12
C ASP B 64 -13.17 3.88 31.17
N GLY B 65 -12.90 5.13 31.56
CA GLY B 65 -13.82 5.86 32.42
C GLY B 65 -13.56 5.70 33.91
N HIS B 66 -12.35 5.26 34.28
CA HIS B 66 -12.03 4.99 35.68
C HIS B 66 -10.98 5.93 36.25
N GLY B 67 -10.94 7.16 35.75
CA GLY B 67 -10.19 8.23 36.40
C GLY B 67 -8.79 8.54 35.86
N ASN B 68 -8.34 7.80 34.86
CA ASN B 68 -6.99 8.01 34.33
C ASN B 68 -6.92 8.01 32.81
N GLN B 69 -6.09 8.90 32.28
CA GLN B 69 -5.93 9.06 30.84
C GLN B 69 -4.54 9.59 30.54
N LEU B 70 -4.01 9.23 29.38
CA LEU B 70 -2.74 9.75 28.92
C LEU B 70 -2.96 11.10 28.25
N LYS B 71 -1.86 11.83 28.04
CA LYS B 71 -1.92 13.12 27.36
C LYS B 71 -2.24 12.92 25.88
N ASP B 72 -2.95 13.87 25.29
CA ASP B 72 -3.34 13.79 23.89
C ASP B 72 -2.14 13.59 22.97
N VAL B 73 -2.31 12.73 21.96
CA VAL B 73 -1.36 12.63 20.87
C VAL B 73 -2.10 12.73 19.54
N THR B 74 -1.46 13.35 18.56
CA THR B 74 -2.08 13.60 17.26
C THR B 74 -1.94 12.40 16.34
N LEU B 75 -3.06 12.02 15.72
CA LEU B 75 -3.07 10.99 14.69
C LEU B 75 -3.01 11.64 13.32
N SER B 76 -2.00 11.26 12.54
CA SER B 76 -1.77 11.83 11.21
C SER B 76 -2.64 11.15 10.15
N THR B 77 -3.96 11.26 10.30
CA THR B 77 -4.90 10.54 9.46
C THR B 77 -5.25 11.25 8.16
N LYS B 78 -5.02 12.56 8.10
CA LYS B 78 -5.52 13.39 7.02
C LYS B 78 -5.04 12.91 5.64
N GLY B 79 -6.01 12.58 4.78
CA GLY B 79 -5.71 12.24 3.40
C GLY B 79 -5.47 10.76 3.14
N LYS B 80 -5.34 9.99 4.21
CA LYS B 80 -5.02 8.57 4.10
C LYS B 80 -6.26 7.70 3.94
N ALA B 81 -6.09 6.56 3.28
CA ALA B 81 -7.16 5.58 3.12
C ALA B 81 -7.16 4.62 4.31
N GLU B 82 -6.00 4.50 4.95
CA GLU B 82 -5.83 3.60 6.08
C GLU B 82 -4.69 4.07 6.96
N ALA B 83 -4.71 3.70 8.23
CA ALA B 83 -3.62 4.01 9.14
C ALA B 83 -3.65 3.09 10.35
N GLU B 84 -2.50 2.50 10.67
CA GLU B 84 -2.35 1.71 11.89
C GLU B 84 -1.28 2.32 12.78
N TYR B 85 -1.57 2.40 14.07
CA TYR B 85 -0.65 2.98 15.05
C TYR B 85 -0.35 2.02 16.18
N TRP B 86 0.86 2.11 16.71
CA TRP B 86 1.27 1.35 17.89
C TRP B 86 1.72 2.32 18.97
N PHE B 87 1.11 2.24 20.14
CA PHE B 87 1.50 3.08 21.26
C PHE B 87 2.19 2.24 22.33
N ASP B 88 3.52 2.34 22.36
CA ASP B 88 4.34 1.64 23.33
C ASP B 88 5.34 2.63 23.89
N GLY B 89 4.86 3.44 24.83
CA GLY B 89 5.66 4.49 25.44
C GLY B 89 5.54 5.79 24.66
N SER B 90 5.03 5.68 23.44
CA SER B 90 4.89 6.82 22.54
C SER B 90 4.20 6.34 21.27
N LEU B 91 3.70 7.28 20.47
CA LEU B 91 2.96 6.93 19.26
C LEU B 91 3.90 6.62 18.10
N SER B 92 3.63 5.51 17.41
CA SER B 92 4.41 5.12 16.24
C SER B 92 3.55 4.52 15.13
N GLU B 93 4.01 4.68 13.89
CA GLU B 93 3.35 4.08 12.72
C GLU B 93 4.11 2.86 12.24
N THR B 94 5.16 2.48 12.96
CA THR B 94 6.00 1.35 12.57
C THR B 94 5.56 0.07 13.25
N LYS B 95 5.28 -0.95 12.45
CA LYS B 95 4.90 -2.27 12.94
C LYS B 95 6.08 -2.91 13.69
N PRO B 96 5.83 -3.43 14.90
CA PRO B 96 6.90 -4.20 15.53
C PRO B 96 7.28 -5.42 14.71
N ALA B 97 8.55 -5.80 14.75
CA ALA B 97 9.10 -6.75 13.78
C ALA B 97 8.38 -8.10 13.70
N ASP B 98 7.89 -8.60 14.84
CA ASP B 98 7.35 -9.96 14.89
C ASP B 98 5.85 -10.07 14.59
N TRP B 99 5.17 -8.94 14.37
CA TRP B 99 3.74 -8.97 14.08
C TRP B 99 3.47 -9.39 12.63
N LYS B 100 2.54 -10.33 12.46
CA LYS B 100 2.09 -10.74 11.14
C LYS B 100 0.82 -10.00 10.76
N TYR B 101 0.41 -10.13 9.49
CA TYR B 101 -0.84 -9.55 9.02
C TYR B 101 -1.92 -10.62 8.94
N VAL B 102 -2.88 -10.54 9.86
CA VAL B 102 -3.91 -11.57 10.02
C VAL B 102 -5.26 -11.03 9.58
N THR B 103 -5.79 -11.61 8.51
CA THR B 103 -7.07 -11.18 7.95
C THR B 103 -8.15 -12.21 8.22
N THR B 104 -9.18 -11.80 8.95
CA THR B 104 -10.30 -12.65 9.30
C THR B 104 -11.53 -12.24 8.50
N ILE B 105 -12.15 -13.21 7.83
CA ILE B 105 -13.31 -12.91 6.99
C ILE B 105 -14.48 -13.81 7.38
N HIS B 106 -15.62 -13.18 7.65
CA HIS B 106 -16.84 -13.89 8.04
C HIS B 106 -17.82 -13.90 6.88
N TYR B 107 -18.43 -15.05 6.63
CA TYR B 107 -19.44 -15.18 5.58
C TYR B 107 -20.76 -15.73 6.12
N LEU B 108 -21.86 -15.06 5.79
CA LEU B 108 -23.18 -15.49 6.19
C LEU B 108 -23.78 -16.40 5.13
N ALA B 109 -23.73 -17.70 5.37
CA ALA B 109 -24.30 -18.67 4.44
C ALA B 109 -25.82 -18.76 4.62
N SER B 110 -26.55 -18.58 3.53
CA SER B 110 -28.00 -18.63 3.56
C SER B 110 -28.57 -19.49 2.43
N GLY B 111 -29.15 -20.62 2.80
CA GLY B 111 -29.81 -21.49 1.84
C GLY B 111 -28.85 -22.04 0.80
N MET B 112 -27.68 -22.48 1.25
CA MET B 112 -26.69 -23.10 0.38
C MET B 112 -26.01 -24.26 1.10
N GLY B 113 -26.71 -24.81 2.10
CA GLY B 113 -26.25 -26.00 2.80
C GLY B 113 -25.38 -25.69 3.99
N SER B 114 -24.69 -26.70 4.49
CA SER B 114 -23.84 -26.56 5.67
C SER B 114 -22.37 -26.83 5.34
N THR B 115 -22.09 -27.13 4.07
CA THR B 115 -20.73 -27.35 3.60
C THR B 115 -20.27 -26.12 2.82
N ILE B 116 -19.40 -25.33 3.44
CA ILE B 116 -18.94 -24.08 2.87
C ILE B 116 -17.44 -24.11 2.63
N TYR B 117 -17.01 -23.51 1.52
CA TYR B 117 -15.61 -23.45 1.13
C TYR B 117 -15.17 -22.01 0.94
N ASN B 118 -13.88 -21.76 1.09
CA ASN B 118 -13.30 -20.50 0.67
C ASN B 118 -12.17 -20.72 -0.31
N TYR B 119 -12.30 -20.12 -1.48
CA TYR B 119 -11.28 -20.18 -2.52
C TYR B 119 -10.52 -18.86 -2.53
N MET B 120 -9.20 -18.92 -2.54
CA MET B 120 -8.36 -17.73 -2.36
C MET B 120 -7.20 -17.67 -3.36
N TRP B 121 -6.93 -16.47 -3.86
CA TRP B 121 -5.79 -16.24 -4.75
C TRP B 121 -5.26 -14.80 -4.58
N GLY B 122 -3.99 -14.61 -4.91
CA GLY B 122 -3.39 -13.28 -4.99
C GLY B 122 -2.58 -12.89 -3.76
N ALA B 123 -2.43 -13.81 -2.82
CA ALA B 123 -1.74 -13.52 -1.57
C ALA B 123 -0.23 -13.76 -1.68
N ASP B 124 0.51 -13.32 -0.67
CA ASP B 124 1.94 -13.54 -0.61
C ASP B 124 2.23 -15.03 -0.38
N ALA B 125 3.43 -15.47 -0.77
CA ALA B 125 3.82 -16.87 -0.68
C ALA B 125 3.79 -17.39 0.75
N SER B 126 3.89 -16.50 1.73
CA SER B 126 3.93 -16.91 3.13
C SER B 126 2.54 -17.15 3.71
N ALA B 127 1.51 -16.95 2.88
CA ALA B 127 0.13 -17.05 3.36
C ALA B 127 -0.19 -18.44 3.90
N THR B 128 -0.95 -18.48 5.00
CA THR B 128 -1.50 -19.72 5.53
C THR B 128 -2.97 -19.51 5.84
N GLY B 129 -3.75 -20.59 5.75
CA GLY B 129 -5.19 -20.52 5.93
C GLY B 129 -5.90 -21.58 5.11
N ALA B 130 -7.21 -21.67 5.29
CA ALA B 130 -8.02 -22.73 4.70
C ALA B 130 -7.78 -22.95 3.20
N GLY B 131 -7.94 -21.92 2.41
CA GLY B 131 -7.80 -22.08 0.98
C GLY B 131 -6.44 -22.03 0.34
N VAL B 132 -5.41 -21.85 1.13
CA VAL B 132 -4.08 -21.75 0.59
C VAL B 132 -3.69 -23.00 -0.15
N GLY B 133 -3.28 -22.80 -1.38
CA GLY B 133 -2.84 -23.84 -2.26
C GLY B 133 -3.87 -24.83 -2.73
N LYS B 134 -5.14 -24.49 -2.64
CA LYS B 134 -6.18 -25.39 -3.04
C LYS B 134 -6.92 -24.95 -4.26
N GLU B 135 -7.09 -25.86 -5.20
CA GLU B 135 -7.88 -25.56 -6.39
C GLU B 135 -9.35 -25.45 -5.99
N TRP B 136 -10.16 -24.89 -6.88
CA TRP B 136 -11.60 -24.79 -6.68
C TRP B 136 -12.15 -26.14 -6.23
N PRO B 137 -13.06 -26.16 -5.24
CA PRO B 137 -13.78 -25.08 -4.55
C PRO B 137 -12.98 -24.34 -3.47
N GLY B 138 -11.72 -24.73 -3.26
CA GLY B 138 -10.91 -24.14 -2.22
C GLY B 138 -10.84 -25.02 -0.99
N GLY B 139 -10.71 -24.41 0.18
CA GLY B 139 -10.63 -25.13 1.43
C GLY B 139 -11.92 -25.03 2.22
N GLN B 140 -12.34 -26.14 2.83
CA GLN B 140 -13.56 -26.14 3.63
C GLN B 140 -13.34 -25.36 4.91
N ILE B 141 -14.31 -24.54 5.28
CA ILE B 141 -14.22 -23.73 6.47
C ILE B 141 -15.34 -24.08 7.45
N SER B 142 -15.12 -23.74 8.72
CA SER B 142 -16.00 -24.14 9.81
C SER B 142 -17.02 -23.07 10.14
N ALA B 143 -18.07 -23.48 10.86
CA ALA B 143 -19.13 -22.57 11.29
C ALA B 143 -18.70 -21.78 12.52
N ASN B 144 -19.24 -20.57 12.65
CA ASN B 144 -19.01 -19.74 13.81
C ASN B 144 -19.97 -20.12 14.92
N ALA B 145 -19.42 -20.59 16.04
CA ALA B 145 -20.24 -21.11 17.14
C ALA B 145 -21.15 -20.05 17.75
N ASP B 146 -20.63 -18.84 17.91
CA ASP B 146 -21.34 -17.79 18.64
C ASP B 146 -22.23 -16.92 17.75
N HIS B 147 -22.21 -17.17 16.44
CA HIS B 147 -23.02 -16.42 15.49
C HIS B 147 -23.60 -17.38 14.46
N LEU B 148 -24.92 -17.58 14.52
CA LEU B 148 -25.57 -18.63 13.73
C LEU B 148 -25.69 -18.25 12.26
N GLY B 149 -25.21 -19.15 11.39
CA GLY B 149 -25.27 -18.96 9.96
C GLY B 149 -23.96 -18.46 9.39
N TRP B 150 -23.09 -17.95 10.25
CA TRP B 150 -21.82 -17.38 9.82
C TRP B 150 -20.71 -18.43 9.78
N TYR B 151 -19.82 -18.28 8.79
CA TYR B 151 -18.64 -19.13 8.67
C TYR B 151 -17.37 -18.27 8.63
N ASP B 152 -16.29 -18.80 9.20
CA ASP B 152 -15.05 -18.04 9.36
C ASP B 152 -13.90 -18.60 8.52
N VAL B 153 -13.10 -17.70 7.97
CA VAL B 153 -11.80 -18.07 7.41
C VAL B 153 -10.77 -17.03 7.82
N VAL B 154 -9.55 -17.49 8.10
CA VAL B 154 -8.47 -16.60 8.55
C VAL B 154 -7.23 -16.82 7.69
N TYR B 155 -6.74 -15.74 7.09
CA TYR B 155 -5.53 -15.79 6.28
C TYR B 155 -4.42 -14.95 6.90
N THR B 156 -3.32 -15.62 7.22
CA THR B 156 -2.18 -15.00 7.88
C THR B 156 -1.01 -14.88 6.92
N GLN B 157 -0.44 -13.68 6.82
CA GLN B 157 0.72 -13.45 5.96
C GLN B 157 1.84 -12.72 6.72
N ASP B 158 3.07 -12.90 6.28
CA ASP B 158 4.22 -12.16 6.80
C ASP B 158 4.28 -10.75 6.23
N VAL B 159 3.59 -10.52 5.11
CA VAL B 159 3.59 -9.21 4.45
C VAL B 159 2.19 -8.73 4.15
N LYS B 160 2.08 -7.43 3.94
CA LYS B 160 0.82 -6.74 3.77
C LYS B 160 0.39 -6.78 2.30
N GLN B 161 0.03 -7.97 1.81
CA GLN B 161 -0.39 -8.14 0.43
C GLN B 161 -1.89 -8.33 0.32
N ASN B 162 -2.54 -7.49 -0.48
CA ASN B 162 -3.95 -7.65 -0.77
C ASN B 162 -4.17 -8.94 -1.57
N PHE B 163 -5.36 -9.50 -1.45
CA PHE B 163 -5.68 -10.74 -2.16
C PHE B 163 -7.18 -10.81 -2.42
N SER B 164 -7.61 -11.88 -3.07
CA SER B 164 -9.02 -12.07 -3.40
C SER B 164 -9.48 -13.43 -2.91
N CYS B 165 -10.78 -13.54 -2.63
CA CYS B 165 -11.35 -14.82 -2.26
C CYS B 165 -12.82 -14.94 -2.63
N ILE B 166 -13.33 -16.16 -2.53
CA ILE B 166 -14.71 -16.48 -2.88
C ILE B 166 -15.25 -17.53 -1.92
N PHE B 167 -16.43 -17.28 -1.37
CA PHE B 167 -17.14 -18.29 -0.59
C PHE B 167 -18.10 -19.05 -1.50
N ASN B 168 -18.18 -20.36 -1.32
CA ASN B 168 -19.03 -21.19 -2.18
C ASN B 168 -19.43 -22.49 -1.47
N ASN B 169 -20.36 -23.23 -2.07
CA ASN B 169 -20.78 -24.52 -1.53
C ASN B 169 -20.38 -25.68 -2.44
N ASN B 170 -19.51 -25.40 -3.41
CA ASN B 170 -19.05 -26.41 -4.36
C ASN B 170 -20.22 -27.10 -5.05
N ASN B 171 -21.29 -26.35 -5.29
CA ASN B 171 -22.52 -26.92 -5.84
C ASN B 171 -23.39 -25.86 -6.51
N GLY B 172 -22.73 -24.87 -7.13
CA GLY B 172 -23.43 -23.89 -7.95
C GLY B 172 -23.75 -22.56 -7.29
N THR B 173 -23.45 -22.44 -6.00
CA THR B 173 -23.65 -21.17 -5.30
C THR B 173 -22.32 -20.61 -4.80
N GLN B 174 -22.01 -19.38 -5.21
CA GLN B 174 -20.78 -18.71 -4.81
C GLN B 174 -20.98 -17.21 -4.75
N THR B 175 -20.08 -16.53 -4.06
CA THR B 175 -20.08 -15.06 -4.01
C THR B 175 -19.44 -14.48 -5.26
N ASP B 176 -19.62 -13.18 -5.45
CA ASP B 176 -18.77 -12.42 -6.37
C ASP B 176 -17.33 -12.52 -5.91
N ASN B 177 -16.40 -12.10 -6.77
CA ASN B 177 -15.03 -11.89 -6.33
C ASN B 177 -14.97 -10.92 -5.16
N ILE B 178 -14.38 -11.35 -4.06
CA ILE B 178 -14.16 -10.47 -2.91
C ILE B 178 -12.72 -9.98 -2.92
N ASP B 179 -12.54 -8.68 -3.20
CA ASP B 179 -11.20 -8.10 -3.24
C ASP B 179 -10.84 -7.54 -1.86
N VAL B 180 -9.99 -8.28 -1.16
CA VAL B 180 -9.65 -7.97 0.22
C VAL B 180 -8.49 -7.00 0.31
N SER B 181 -8.74 -5.83 0.89
CA SER B 181 -7.67 -4.88 1.22
C SER B 181 -7.21 -5.12 2.65
N VAL B 182 -5.95 -5.50 2.80
CA VAL B 182 -5.36 -5.68 4.13
C VAL B 182 -4.98 -4.30 4.65
N THR B 183 -5.76 -3.79 5.59
CA THR B 183 -5.65 -2.41 6.06
C THR B 183 -4.99 -2.32 7.43
N SER B 184 -4.70 -3.46 8.02
CA SER B 184 -4.01 -3.51 9.31
C SER B 184 -3.55 -4.92 9.59
N THR B 185 -2.84 -5.11 10.71
CA THR B 185 -2.35 -6.44 11.08
C THR B 185 -3.47 -7.34 11.60
N SER B 186 -4.65 -6.76 11.81
CA SER B 186 -5.82 -7.53 12.25
C SER B 186 -7.07 -7.08 11.49
N THR B 187 -7.00 -7.19 10.17
CA THR B 187 -8.12 -6.81 9.31
C THR B 187 -9.27 -7.79 9.49
N GLU B 188 -10.49 -7.26 9.59
CA GLU B 188 -11.68 -8.09 9.74
C GLU B 188 -12.77 -7.66 8.76
N LEU B 189 -13.43 -8.63 8.14
CA LEU B 189 -14.47 -8.36 7.14
C LEU B 189 -15.68 -9.27 7.34
N TRP B 190 -16.86 -8.73 7.01
CA TRP B 190 -18.10 -9.52 6.98
C TRP B 190 -18.67 -9.52 5.57
N VAL B 191 -19.02 -10.69 5.07
CA VAL B 191 -19.54 -10.83 3.72
C VAL B 191 -20.90 -11.50 3.72
N THR B 192 -21.81 -10.95 2.93
CA THR B 192 -23.14 -11.54 2.75
C THR B 192 -23.49 -11.62 1.26
N GLY B 193 -24.37 -12.57 0.93
CA GLY B 193 -24.93 -12.63 -0.40
C GLY B 193 -24.23 -13.63 -1.31
N THR B 194 -24.63 -13.60 -2.58
CA THR B 194 -24.06 -14.48 -3.59
C THR B 194 -23.84 -13.68 -4.87
N LYS B 195 -23.58 -14.36 -5.98
CA LYS B 195 -23.24 -13.69 -7.23
C LYS B 195 -24.32 -12.71 -7.67
N GLY B 196 -23.91 -11.50 -8.02
CA GLY B 196 -24.84 -10.45 -8.41
C GLY B 196 -25.27 -9.60 -7.22
N ASP B 197 -25.12 -10.14 -6.02
CA ASP B 197 -25.60 -9.47 -4.81
C ASP B 197 -24.70 -9.72 -3.61
N THR B 198 -23.39 -9.55 -3.79
CA THR B 198 -22.43 -9.73 -2.72
C THR B 198 -22.09 -8.39 -2.08
N THR B 199 -22.19 -8.34 -0.75
CA THR B 199 -21.90 -7.14 0.01
C THR B 199 -20.78 -7.39 1.02
N VAL B 200 -19.78 -6.51 1.01
CA VAL B 200 -18.66 -6.62 1.92
C VAL B 200 -18.71 -5.48 2.94
N TYR B 201 -18.76 -5.84 4.22
CA TYR B 201 -18.81 -4.86 5.30
C TYR B 201 -17.46 -4.76 6.01
N LYS B 202 -17.05 -3.52 6.30
CA LYS B 202 -15.79 -3.27 7.02
C LYS B 202 -16.03 -3.09 8.52
N THR B 203 -17.30 -3.03 8.91
CA THR B 203 -17.68 -3.07 10.31
C THR B 203 -18.91 -3.97 10.42
N ALA B 204 -19.05 -4.65 11.55
CA ALA B 204 -20.07 -5.68 11.70
C ALA B 204 -21.46 -5.19 11.32
N PRO B 205 -22.16 -5.95 10.45
CA PRO B 205 -23.51 -5.56 10.04
C PRO B 205 -24.55 -5.99 11.07
N ASP B 206 -25.73 -5.38 11.01
CA ASP B 206 -26.84 -5.75 11.90
C ASP B 206 -27.07 -7.26 11.96
N SER B 207 -26.83 -7.96 10.85
CA SER B 207 -27.03 -9.41 10.82
C SER B 207 -26.00 -10.16 11.67
N TRP B 208 -24.97 -9.46 12.13
CA TRP B 208 -23.96 -10.05 13.01
C TRP B 208 -24.40 -9.87 14.45
N GLU B 209 -24.90 -10.94 15.04
CA GLU B 209 -25.53 -10.88 16.34
C GLU B 209 -24.59 -10.37 17.42
C1 GLC C . 29.34 -20.28 -11.28
C2 GLC C . 29.25 -19.03 -10.43
C3 GLC C . 27.84 -18.71 -9.97
C4 GLC C . 26.80 -18.87 -11.06
C5 GLC C . 27.02 -20.19 -11.78
C6 GLC C . 26.13 -20.31 -12.99
O1 GLC C . 29.20 -21.42 -10.46
O2 GLC C . 30.04 -19.23 -9.26
O3 GLC C . 27.88 -17.38 -9.46
O4 GLC C . 25.50 -18.89 -10.51
O5 GLC C . 28.34 -20.32 -12.26
O6 GLC C . 25.27 -21.41 -12.82
H1 GLC C . 30.32 -20.30 -11.77
H2 GLC C . 29.63 -18.19 -11.01
H3 GLC C . 27.59 -19.39 -9.15
H4 GLC C . 26.92 -18.05 -11.77
H5 GLC C . 26.79 -21.02 -11.11
H61 GLC C . 26.74 -20.44 -13.89
H62 GLC C . 25.56 -19.40 -13.12
HO1 GLC C . 30.06 -21.84 -10.37
HO2 GLC C . 29.69 -19.97 -8.75
HO3 GLC C . 28.07 -17.39 -8.52
HO6 GLC C . 24.94 -21.44 -11.91
C1 GLC C . 24.86 -17.64 -10.41
C2 GLC C . 24.25 -17.51 -9.03
C3 GLC C . 23.11 -18.50 -8.89
C4 GLC C . 22.11 -18.34 -10.02
C5 GLC C . 22.82 -18.39 -11.36
C6 GLC C . 21.82 -18.15 -12.47
O2 GLC C . 25.24 -17.69 -8.03
O3 GLC C . 22.44 -18.34 -7.68
O4 GLC C . 21.13 -19.34 -9.95
O5 GLC C . 23.83 -17.43 -11.37
O6 GLC C . 22.39 -18.01 -13.74
H1 GLC C . 25.59 -16.83 -10.51
H2 GLC C . 23.86 -16.50 -8.93
H3 GLC C . 23.53 -19.51 -8.94
H4 GLC C . 21.65 -17.36 -9.93
H5 GLC C . 23.26 -19.38 -11.49
H61 GLC C . 21.24 -17.26 -12.25
H62 GLC C . 21.13 -18.99 -12.50
HO2 GLC C . 25.16 -18.54 -7.59
HO3 GLC C . 22.45 -19.16 -7.21
HO6 GLC C . 22.61 -18.88 -14.08
C1 GLC C . 19.84 -18.92 -9.50
C2 GLC C . 19.33 -19.87 -8.44
C3 GLC C . 18.87 -21.18 -9.03
C4 GLC C . 17.94 -20.94 -10.20
C5 GLC C . 18.55 -19.94 -11.18
C6 GLC C . 17.65 -19.58 -12.36
O2 GLC C . 20.35 -20.04 -7.50
O3 GLC C . 18.26 -21.97 -8.05
O4 GLC C . 17.68 -22.18 -10.81
O5 GLC C . 18.87 -18.77 -10.48
O6 GLC C . 18.23 -18.70 -13.27
H1 GLC C . 19.94 -17.96 -9.00
H2 GLC C . 18.49 -19.39 -7.95
H3 GLC C . 19.74 -21.72 -9.40
H4 GLC C . 17.01 -20.50 -9.82
H5 GLC C . 19.46 -20.37 -11.58
H61 GLC C . 16.73 -19.15 -12.00
H62 GLC C . 17.40 -20.50 -12.88
HO2 GLC C . 20.84 -20.84 -7.65
HO3 GLC C . 18.59 -22.86 -8.12
HO6 GLC C . 19.14 -18.96 -13.44
C1 GLC C . 16.43 -22.77 -10.48
C2 GLC C . 16.59 -24.25 -10.28
C3 GLC C . 16.81 -24.96 -11.62
C4 GLC C . 15.71 -24.60 -12.60
C5 GLC C . 15.60 -23.09 -12.68
C6 GLC C . 14.43 -22.64 -13.54
O2 GLC C . 17.65 -24.53 -9.41
O3 GLC C . 16.85 -26.33 -11.38
O4 GLC C . 15.91 -25.24 -13.87
O5 GLC C . 15.39 -22.55 -11.41
O6 GLC C . 14.17 -21.27 -13.36
H1 GLC C . 16.09 -22.37 -9.52
H2 GLC C . 15.68 -24.63 -9.82
H3 GLC C . 17.76 -24.63 -12.03
H4 GLC C . 14.77 -24.97 -12.17
H5 GLC C . 16.51 -22.70 -13.11
H61 GLC C . 13.54 -23.20 -13.27
H62 GLC C . 14.65 -22.83 -14.59
HO2 GLC C . 18.49 -24.56 -9.90
HO3 GLC C . 16.11 -26.58 -10.84
HO6 GLC C . 14.36 -20.82 -14.18
C1 GLC D . -5.93 26.70 -18.96
C2 GLC D . -5.49 25.48 -19.76
C3 GLC D . -6.35 24.28 -19.49
C4 GLC D . -6.42 24.06 -18.02
C5 GLC D . -6.90 25.30 -17.31
C6 GLC D . -6.95 25.13 -15.82
O1 GLC D . -7.14 27.28 -19.47
O2 GLC D . -5.54 25.73 -21.13
O3 GLC D . -5.80 23.13 -20.10
O4 GLC D . -7.31 22.99 -17.80
O5 GLC D . -6.03 26.34 -17.61
O6 GLC D . -7.55 26.20 -15.17
H1 GLC D . -5.14 27.44 -19.06
H2 GLC D . -4.46 25.23 -19.47
H3 GLC D . -7.34 24.48 -19.89
H4 GLC D . -5.41 23.84 -17.67
H5 GLC D . -7.91 25.54 -17.66
H61 GLC D . -5.93 25.01 -15.45
H62 GLC D . -7.49 24.22 -15.57
HO2 GLC D . -6.35 26.22 -21.32
HO3 GLC D . -5.42 23.35 -20.94
HO6 GLC D . -8.29 26.51 -15.70
C1 GLC D . -6.71 21.82 -17.26
C2 GLC D . -7.21 20.64 -18.04
C3 GLC D . -8.64 20.35 -17.69
C4 GLC D . -8.81 20.23 -16.21
C5 GLC D . -8.29 21.47 -15.53
C6 GLC D . -8.42 21.38 -14.03
O2 GLC D . -7.04 20.87 -19.41
O3 GLC D . -9.04 19.15 -18.29
O4 GLC D . -10.18 19.96 -15.90
O5 GLC D . -6.94 21.63 -15.89
O6 GLC D . -8.02 22.56 -13.37
H1 GLC D . -5.62 21.85 -17.40
H2 GLC D . -6.62 19.77 -17.75
H3 GLC D . -9.27 21.17 -18.06
H4 GLC D . -8.17 19.41 -15.89
H5 GLC D . -8.85 22.33 -15.88
H61 GLC D . -7.85 20.55 -13.65
H62 GLC D . -9.47 21.19 -13.78
HO2 GLC D . -7.50 21.67 -19.65
HO3 GLC D . -8.74 19.14 -19.19
HO6 GLC D . -7.07 22.67 -13.43
C1 GLC D . -10.42 18.60 -15.50
C2 GLC D . -11.61 18.05 -16.26
C3 GLC D . -12.84 18.84 -15.91
C4 GLC D . -13.06 18.87 -14.42
C5 GLC D . -11.79 19.25 -13.69
C6 GLC D . -11.97 19.09 -12.20
O2 GLC D . -11.40 18.10 -17.66
O3 GLC D . -13.98 18.26 -16.50
O4 GLC D . -14.08 19.84 -14.17
O5 GLC D . -10.71 18.44 -14.12
O6 GLC D . -11.04 18.12 -11.73
H1 GLC D . -9.58 17.97 -15.75
H2 GLC D . -11.76 17.01 -15.95
H3 GLC D . -12.72 19.87 -16.27
H4 GLC D . -13.39 17.88 -14.09
H5 GLC D . -11.56 20.30 -13.90
H61 GLC D . -12.98 18.76 -11.99
H62 GLC D . -11.79 20.04 -11.69
HO2 GLC D . -11.30 19.03 -17.92
HO3 GLC D . -13.96 18.42 -17.45
HO4 GLC D . -14.82 19.71 -14.78
HO6 GLC D . -10.55 18.49 -10.99
C1 GLC E . -14.64 -21.64 -10.75
C2 GLC E . -15.31 -20.47 -10.06
C3 GLC E . -14.61 -19.19 -10.48
C4 GLC E . -13.15 -19.28 -10.17
C5 GLC E . -12.55 -20.52 -10.80
C6 GLC E . -11.10 -20.68 -10.43
O1 GLC E . -14.84 -21.62 -12.17
O2 GLC E . -16.69 -20.42 -10.32
O3 GLC E . -15.17 -18.07 -9.87
O4 GLC E . -12.52 -18.12 -10.66
O5 GLC E . -13.27 -21.65 -10.39
O6 GLC E . -10.65 -21.97 -10.71
H1 GLC E . -15.09 -22.55 -10.36
H2 GLC E . -15.16 -20.59 -8.98
H3 GLC E . -14.74 -19.10 -11.56
H4 GLC E . -13.04 -19.37 -9.08
H5 GLC E . -12.63 -20.41 -11.88
H61 GLC E . -10.96 -20.47 -9.37
H62 GLC E . -10.50 -19.97 -10.99
HO2 GLC E . -16.87 -19.90 -11.10
HO3 GLC E . -15.24 -18.21 -8.93
HO6 GLC E . -10.03 -21.93 -11.42
C1 GLC E . -11.98 -17.26 -9.70
C2 GLC E . -12.32 -15.83 -10.02
C3 GLC E . -11.59 -15.37 -11.28
C4 GLC E . -10.11 -15.60 -11.06
C5 GLC E . -9.84 -17.05 -10.73
C6 GLC E . -8.39 -17.29 -10.40
O2 GLC E . -13.69 -15.67 -10.15
O3 GLC E . -11.84 -14.03 -11.60
O4 GLC E . -9.38 -15.22 -12.19
O5 GLC E . -10.61 -17.40 -9.60
O6 GLC E . -8.12 -18.62 -10.08
H1 GLC E . -12.41 -17.47 -8.71
H2 GLC E . -11.96 -15.22 -9.19
H3 GLC E . -11.91 -16.00 -12.12
H4 GLC E . -9.85 -15.04 -10.16
H5 GLC E . -10.12 -17.67 -11.57
H61 GLC E . -8.09 -16.66 -9.58
H62 GLC E . -7.77 -17.03 -11.26
HO2 GLC E . -14.02 -16.30 -10.77
HO3 GLC E . -12.07 -13.54 -10.80
HO6 GLC E . -8.04 -18.70 -9.13
C1 GLC E . -8.52 -14.11 -11.97
C2 GLC E . -8.72 -13.10 -13.05
C3 GLC E . -8.19 -13.64 -14.36
C4 GLC E . -6.77 -14.12 -14.20
C5 GLC E . -6.68 -15.08 -13.05
C6 GLC E . -5.28 -15.60 -12.78
O2 GLC E . -10.08 -12.77 -13.15
O3 GLC E . -8.25 -12.63 -15.30
O4 GLC E . -6.34 -14.72 -15.38
O5 GLC E . -7.19 -14.48 -11.89
O6 GLC E . -4.40 -14.66 -12.22
H1 GLC E . -8.76 -13.59 -11.03
H2 GLC E . -8.15 -12.21 -12.78
H3 GLC E . -8.81 -14.48 -14.67
H4 GLC E . -6.12 -13.26 -13.98
H5 GLC E . -7.29 -15.95 -13.29
H61 GLC E . -4.86 -15.97 -13.71
H62 GLC E . -5.35 -16.45 -12.10
HO2 GLC E . -10.57 -13.54 -13.42
HO3 GLC E . -7.90 -12.96 -16.13
HO4 GLC E . -5.69 -14.17 -15.81
HO6 GLC E . -4.27 -13.94 -12.85
C1 GLC F . -15.79 15.51 34.50
C2 GLC F . -15.09 14.18 34.38
C3 GLC F . -14.17 14.12 33.17
C4 GLC F . -14.83 14.55 31.88
C5 GLC F . -15.56 15.87 32.13
C6 GLC F . -16.47 16.23 30.96
O1 GLC F . -14.90 16.54 34.83
O2 GLC F . -14.28 13.92 35.54
O3 GLC F . -13.70 12.81 33.07
O4 GLC F . -13.82 14.77 30.91
O5 GLC F . -16.40 15.86 33.27
O6 GLC F . -16.03 17.45 30.38
H1 GLC F . -16.57 15.42 35.27
H2 GLC F . -15.84 13.40 34.27
H3 GLC F . -13.33 14.80 33.36
H4 GLC F . -15.54 13.78 31.56
H5 GLC F . -14.82 16.66 32.22
H61 GLC F . -17.49 16.34 31.33
H62 GLC F . -16.46 15.43 30.22
HO1 GLC F . -15.10 16.86 35.72
HO2 GLC F . -13.43 14.35 35.48
HO3 GLC F . -12.79 12.77 33.38
HO6 GLC F . -15.07 17.51 30.40
C1 GLC F . -13.51 13.67 30.07
C2 GLC F . -12.02 13.61 29.81
C3 GLC F . -11.62 14.84 29.00
C4 GLC F . -12.42 14.92 27.71
C5 GLC F . -13.89 14.84 28.03
C6 GLC F . -14.71 14.81 26.76
O2 GLC F . -11.35 13.53 31.03
O3 GLC F . -10.25 14.89 28.73
O4 GLC F . -12.16 16.13 27.06
O5 GLC F . -14.17 13.71 28.82
O6 GLC F . -16.07 14.67 27.05
H1 GLC F . -13.80 12.74 30.59
H2 GLC F . -11.80 12.73 29.22
H3 GLC F . -11.89 15.71 29.60
H4 GLC F . -12.16 14.07 27.08
H5 GLC F . -14.16 15.74 28.59
H61 GLC F . -14.40 13.99 26.13
H62 GLC F . -14.55 15.73 26.21
HO2 GLC F . -10.93 14.37 31.28
HO3 GLC F . -9.97 14.07 28.36
HO6 GLC F . -16.49 15.54 26.98
C1 GLC F . -11.42 16.05 25.87
C2 GLC F . -10.36 17.09 25.82
C3 GLC F . -10.99 18.46 25.71
C4 GLC F . -11.91 18.55 24.52
C5 GLC F . -12.85 17.37 24.50
C6 GLC F . -13.62 17.30 23.21
O2 GLC F . -9.55 17.02 26.96
O3 GLC F . -10.01 19.44 25.63
O4 GLC F . -12.65 19.75 24.55
O5 GLC F . -12.15 16.18 24.67
O6 GLC F . -14.48 16.21 23.21
H1 GLC F . -10.91 15.08 25.82
H2 GLC F . -9.74 16.91 24.94
H3 GLC F . -11.57 18.64 26.61
H4 GLC F . -11.30 18.48 23.61
H5 GLC F . -13.56 17.50 25.31
H61 GLC F . -12.93 17.23 22.37
H62 GLC F . -14.22 18.20 23.08
HO2 GLC F . -10.11 16.98 27.74
HO3 GLC F . -9.28 19.24 26.21
HO6 GLC F . -15.28 16.44 23.65
C1 GLC F . -12.07 20.77 23.77
C2 GLC F . -12.30 22.14 24.38
C3 GLC F . -13.78 22.49 24.37
C4 GLC F . -14.36 22.31 22.99
C5 GLC F . -14.01 20.95 22.44
C6 GLC F . -14.48 20.78 21.02
O2 GLC F . -11.78 22.17 25.69
O3 GLC F . -14.01 23.82 24.80
O4 GLC F . -15.77 22.57 22.98
O5 GLC F . -12.61 20.78 22.48
O6 GLC F . -13.96 21.79 20.21
H1 GLC F . -11.00 20.63 23.68
H2 GLC F . -11.76 22.87 23.78
H3 GLC F . -14.30 21.81 25.05
H4 GLC F . -13.88 23.05 22.35
H5 GLC F . -14.49 20.20 23.07
H61 GLC F . -15.56 20.81 20.97
H62 GLC F . -14.16 19.81 20.62
HO2 GLC F . -12.36 21.68 26.28
HO3 GLC F . -13.20 24.32 24.93
HO6 GLC F . -13.11 21.52 19.86
C1 EDO G . -1.90 29.42 -22.58
O1 EDO G . -1.09 30.12 -21.63
C2 EDO G . -1.18 28.17 -23.07
O2 EDO G . 0.22 28.27 -22.76
H11 EDO G . -2.85 29.12 -22.10
H12 EDO G . -2.13 30.06 -23.41
HO1 EDO G . -1.55 30.90 -21.32
H21 EDO G . -1.60 27.28 -22.59
H22 EDO G . -1.31 28.07 -24.15
HO2 EDO G . 0.67 27.47 -23.08
C1 EDO H . 10.31 -12.23 -19.48
O1 EDO H . 10.19 -12.70 -18.13
C2 EDO H . 11.58 -11.41 -19.62
O2 EDO H . 12.72 -12.27 -19.55
H11 EDO H . 10.35 -13.08 -20.16
H12 EDO H . 9.44 -11.62 -19.73
HO1 EDO H . 9.38 -13.23 -18.04
H21 EDO H . 11.58 -10.88 -20.57
H22 EDO H . 11.63 -10.67 -18.82
HO2 EDO H . 13.53 -11.75 -19.64
C1 EDO I . 8.22 -18.21 -7.70
O1 EDO I . 7.40 -18.89 -8.65
C2 EDO I . 8.58 -19.14 -6.54
O2 EDO I . 9.00 -20.41 -7.04
H11 EDO I . 7.69 -17.34 -7.31
H12 EDO I . 9.13 -17.87 -8.18
HO1 EDO I . 7.18 -18.28 -9.37
H21 EDO I . 9.39 -18.70 -5.95
H22 EDO I . 7.72 -19.27 -5.89
HO2 EDO I . 9.23 -21.00 -6.30
C1 EDO J . 12.32 11.49 0.66
O1 EDO J . 11.19 10.88 1.30
C2 EDO J . 11.85 12.68 -0.17
O2 EDO J . 11.24 13.67 0.67
H11 EDO J . 13.03 11.83 1.42
H12 EDO J . 12.83 10.76 0.03
HO1 EDO J . 11.49 10.12 1.82
H21 EDO J . 12.71 13.12 -0.69
H22 EDO J . 11.14 12.34 -0.91
HO2 EDO J . 10.95 14.41 0.12
C1 EDO K . 33.69 -11.94 0.37
O1 EDO K . 33.93 -12.74 -0.79
C2 EDO K . 33.75 -10.48 -0.03
O2 EDO K . 33.02 -9.71 0.94
H11 EDO K . 32.71 -12.17 0.79
H12 EDO K . 34.44 -12.15 1.13
HO1 EDO K . 33.89 -13.68 -0.55
H21 EDO K . 34.80 -10.14 -0.06
H22 EDO K . 33.32 -10.35 -1.02
HO2 EDO K . 33.06 -8.77 0.70
C1 EDO L . 25.57 0.82 1.96
O1 EDO L . 26.18 2.05 1.53
C2 EDO L . 26.37 0.22 3.12
O2 EDO L . 27.66 -0.19 2.65
H11 EDO L . 24.55 1.02 2.29
H12 EDO L . 25.54 0.12 1.13
HO1 EDO L . 25.67 2.43 0.80
H21 EDO L . 26.48 0.96 3.91
H22 EDO L . 25.83 -0.65 3.51
HO2 EDO L . 28.16 -0.58 3.38
C1 EDO M . -4.36 -10.42 -7.08
O1 EDO M . -5.73 -10.56 -6.66
C2 EDO M . -4.19 -11.04 -8.46
O2 EDO M . -3.61 -12.35 -8.32
H11 EDO M . -4.11 -9.36 -7.11
H12 EDO M . -3.71 -10.90 -6.36
HO1 EDO M . -5.84 -10.17 -5.77
H21 EDO M . -3.53 -10.41 -9.06
H22 EDO M . -5.15 -11.11 -8.96
HO2 EDO M . -3.50 -12.74 -9.20
C1 EDO N . 0.74 -5.41 -16.47
O1 EDO N . -0.43 -5.16 -15.67
C2 EDO N . 1.10 -6.90 -16.37
O2 EDO N . 2.02 -7.25 -17.40
H11 EDO N . 0.54 -5.15 -17.51
H12 EDO N . 1.56 -4.80 -16.11
HO1 EDO N . -0.67 -4.23 -15.74
H21 EDO N . 1.54 -7.09 -15.39
H22 EDO N . 0.19 -7.50 -16.46
HO2 EDO N . 2.24 -8.19 -17.32
C FMT O . -0.07 23.26 -28.31
O1 FMT O . -1.04 23.76 -27.73
O2 FMT O . -0.20 22.30 -29.07
H FMT O . 0.93 23.64 -28.14
HO2 FMT O . -1.09 21.92 -29.24
C FMT P . 28.38 -13.92 -7.51
O1 FMT P . 28.91 -13.15 -8.27
O2 FMT P . 28.37 -15.13 -7.74
H FMT P . 27.88 -13.57 -6.60
HO2 FMT P . 28.80 -15.47 -8.54
C FMT Q . 3.46 -18.81 -10.75
O1 FMT Q . 2.80 -17.92 -10.22
O2 FMT Q . 3.77 -18.73 -11.93
H FMT Q . 3.79 -19.68 -10.20
HO2 FMT Q . 3.49 -17.97 -12.48
C FMT R . 18.33 -20.79 -15.46
O1 FMT R . 17.92 -20.25 -16.47
O2 FMT R . 17.96 -21.92 -15.13
H FMT R . 19.04 -20.28 -14.81
HO2 FMT R . 17.33 -22.41 -15.69
C FMT S . 16.54 1.66 -11.99
O1 FMT S . 16.19 0.49 -12.00
O2 FMT S . 15.74 2.57 -11.79
H FMT S . 17.59 1.94 -12.16
HO2 FMT S . 14.79 2.36 -11.63
C FMT T . 10.06 21.01 -8.44
O1 FMT T . 10.82 20.36 -9.17
O2 FMT T . 8.84 20.87 -8.47
H FMT T . 10.46 21.74 -7.75
HO2 FMT T . 8.44 20.22 -9.09
C FMT U . 15.05 6.96 -5.75
O1 FMT U . 16.16 7.07 -6.25
O2 FMT U . 14.47 5.88 -5.68
H FMT U . 14.54 7.84 -5.34
HO2 FMT U . 14.91 5.08 -6.04
C FMT V . 12.20 -21.26 -10.97
O1 FMT V . 11.63 -20.30 -11.44
O2 FMT V . 11.83 -22.40 -11.23
H FMT V . 13.07 -21.14 -10.33
HO2 FMT V . 11.06 -22.54 -11.82
C FMT W . -2.12 -4.75 -7.65
O1 FMT W . -1.30 -4.08 -8.27
O2 FMT W . -3.16 -5.15 -8.18
H FMT W . -1.95 -5.03 -6.61
HO2 FMT W . -3.35 -4.92 -9.12
C1 EDO X . -4.58 18.33 16.98
O1 EDO X . -5.39 19.52 16.98
C2 EDO X . -5.30 17.22 16.22
O2 EDO X . -5.36 17.54 14.82
H11 EDO X . -3.63 18.54 16.49
H12 EDO X . -4.39 18.02 18.00
HO1 EDO X . -4.93 20.21 17.46
H21 EDO X . -4.77 16.27 16.35
H22 EDO X . -6.32 17.10 16.61
HO2 EDO X . -5.82 16.83 14.35
C1 EDO Y . -6.96 -7.97 -4.34
O1 EDO Y . -7.40 -6.91 -3.49
C2 EDO Y . -6.41 -7.39 -5.64
O2 EDO Y . -5.02 -7.11 -5.48
H11 EDO Y . -6.20 -8.55 -3.84
H12 EDO Y . -7.80 -8.63 -4.56
HO1 EDO Y . -7.76 -7.28 -2.67
H21 EDO Y . -6.55 -8.12 -6.45
H22 EDO Y . -6.94 -6.49 -5.90
HO2 EDO Y . -4.66 -6.75 -6.30
C1 EDO Z . -3.75 -9.50 27.87
O1 EDO Z . -2.38 -9.79 28.12
C2 EDO Z . -3.86 -8.32 26.90
O2 EDO Z . -3.15 -8.61 25.69
H11 EDO Z . -4.25 -10.37 27.44
H12 EDO Z . -4.25 -9.25 28.80
HO1 EDO Z . -2.31 -10.53 28.73
H21 EDO Z . -4.91 -8.13 26.67
H22 EDO Z . -3.44 -7.43 27.37
HO2 EDO Z . -3.22 -7.87 25.09
C1 EDO AA . -27.35 -27.54 -1.16
O1 EDO AA . -26.12 -27.87 -1.82
C2 EDO AA . -27.62 -26.06 -1.36
O2 EDO AA . -27.85 -25.77 -2.74
H11 EDO AA . -28.18 -28.13 -1.57
H12 EDO AA . -27.27 -27.77 -0.10
HO1 EDO AA . -25.94 -28.82 -1.70
H21 EDO AA . -28.51 -25.76 -0.78
H22 EDO AA . -26.79 -25.48 -0.99
HO2 EDO AA . -28.02 -24.82 -2.86
C1 EDO BA . -15.03 18.91 28.03
O1 EDO BA . -15.31 19.27 26.67
C2 EDO BA . -13.65 19.44 28.43
O2 EDO BA . -13.34 20.62 27.69
H11 EDO BA . -15.79 19.34 28.69
H12 EDO BA . -15.06 17.83 28.14
HO1 EDO BA . -16.19 18.94 26.43
H21 EDO BA . -13.64 19.66 29.51
H22 EDO BA . -12.90 18.67 28.24
HO2 EDO BA . -12.47 20.94 27.96
C1 EDO CA . -2.44 -17.08 -6.19
O1 EDO CA . -2.21 -18.50 -6.12
C2 EDO CA . -1.91 -16.49 -7.50
O2 EDO CA . -3.01 -15.97 -8.27
H11 EDO CA . -3.51 -16.89 -6.11
H12 EDO CA . -1.94 -16.59 -5.35
HO1 EDO CA . -2.55 -18.83 -5.29
H21 EDO CA . -1.20 -15.71 -7.30
H22 EDO CA . -1.41 -17.27 -8.09
HO2 EDO CA . -2.68 -15.60 -9.10
C1 EDO DA . 1.75 4.36 27.99
O1 EDO DA . 2.42 5.09 29.02
C2 EDO DA . 2.83 3.72 27.14
O2 EDO DA . 2.25 2.58 26.48
H11 EDO DA . 1.11 3.59 28.44
H12 EDO DA . 1.14 5.03 27.39
HO1 EDO DA . 1.77 5.53 29.59
H21 EDO DA . 3.20 4.44 26.40
H22 EDO DA . 3.67 3.40 27.77
HO2 EDO DA . 2.92 2.16 25.93
C1 EDO EA . -26.69 -5.20 7.72
O1 EDO EA . -27.86 -5.94 7.39
C2 EDO EA . -26.98 -3.70 7.71
O2 EDO EA . -26.09 -3.03 8.61
H11 EDO EA . -26.35 -5.49 8.73
H12 EDO EA . -25.90 -5.43 7.02
HO1 EDO EA . -27.66 -6.88 7.41
H21 EDO EA . -26.86 -3.31 6.69
H22 EDO EA . -28.01 -3.52 8.02
HO2 EDO EA . -26.27 -2.08 8.60
C FMT FA . 2.75 8.38 14.44
O1 FMT FA . 3.26 7.34 14.06
O2 FMT FA . 3.44 9.34 14.79
H FMT FA . 1.66 8.50 14.47
HO2 FMT FA . 4.41 9.27 14.77
C FMT GA . -6.13 19.03 10.76
O1 FMT GA . -5.03 19.11 10.21
O2 FMT GA . -7.01 18.33 10.29
H FMT GA . -6.34 19.60 11.67
HO2 FMT GA . -6.85 17.81 9.48
C FMT HA . -8.67 -20.96 8.85
O1 FMT HA . -8.44 -20.52 7.72
O2 FMT HA . -9.64 -20.58 9.50
H FMT HA . -8.02 -21.70 9.29
HO2 FMT HA . -10.25 -19.91 9.13
C FMT IA . -16.13 -14.72 17.18
O1 FMT IA . -16.10 -14.02 16.16
O2 FMT IA . -17.20 -15.17 17.60
H FMT IA . -15.22 -14.95 17.72
HO2 FMT IA . -18.03 -14.98 17.13
C FMT JA . -24.85 -17.77 -6.86
O1 FMT JA . -24.20 -18.65 -7.42
O2 FMT JA . -25.16 -16.75 -7.46
H FMT JA . -25.14 -17.87 -5.82
HO2 FMT JA . -24.91 -16.64 -8.41
C FMT KA . -16.19 10.09 11.19
O1 FMT KA . -15.73 11.22 11.26
O2 FMT KA . -17.02 9.65 12.00
H FMT KA . -15.87 9.41 10.40
HO2 FMT KA . -17.34 10.24 12.73
C FMT LA . -18.17 18.91 22.23
O1 FMT LA . -17.22 18.26 22.66
O2 FMT LA . -18.15 19.42 21.12
H FMT LA . -19.07 19.05 22.84
HO2 FMT LA . -17.36 19.33 20.55
C FMT MA . -12.14 9.57 33.33
O1 FMT MA . -12.63 8.48 33.61
O2 FMT MA . -10.98 9.66 32.94
H FMT MA . -12.72 10.48 33.44
HO2 FMT MA . -10.43 8.86 32.84
C FMT NA . -12.44 -3.05 17.94
O1 FMT NA . -12.44 -1.94 17.45
O2 FMT NA . -12.78 -4.03 17.28
H FMT NA . -12.14 -3.22 18.97
HO2 FMT NA . -13.07 -3.92 16.35
C FMT OA . -6.68 -9.00 17.31
O1 FMT OA . -6.16 -7.90 17.50
O2 FMT OA . -7.38 -9.23 16.32
H FMT OA . -6.53 -9.82 18.02
HO2 FMT OA . -7.54 -8.52 15.66
#